data_6RI2
#
_entry.id   6RI2
#
_cell.length_a   56.290
_cell.length_b   84.190
_cell.length_c   112.130
_cell.angle_alpha   90.00
_cell.angle_beta   90.00
_cell.angle_gamma   90.00
#
_symmetry.space_group_name_H-M   'P 21 21 21'
#
loop_
_entity.id
_entity.type
_entity.pdbx_description
1 polymer 'Laccase 2'
2 branched 2-acetamido-2-deoxy-beta-D-glucopyranose-(1-4)-2-acetamido-2-deoxy-beta-D-glucopyranose
3 non-polymer 'COPPER (II) ION'
4 non-polymer 'CHLORIDE ION'
5 water water
#
_entity_poly.entity_id   1
_entity_poly.type   'polypeptide(L)'
_entity_poly.pdbx_seq_one_letter_code
;AQIGPVTDLHITNANISPDGFSRPAVLAGGTFPGPTIAGNTGDNFQITVFNDLTDPSMLTDTSIHWHGLFQKGTNWADGP
AFVTQCPIITGQSFDYNFNVPGQAGTFWYHSHLSTQYCDGLRGPFVVYDPNDPNASLYDVDDDTTIITLADWYHTLAQQE
PIGAAITADATLINGLGRSFTNTTASPLSVITVQSGKRYRMRLVSISCDPNYLFSIDGHDMTIIEVDGVNSQQLTVDQIQ
IFAAQRYSFVLNANQPVGNYWIRAQPNSGGQGFDGGINSAILRYEGATVEDPTTTAPTTFSNPLVETDLHPLADLGVPGQ
PFRGGADDPLVLNLAFANGRFSIDGVSFVPPTVPVLLQILSGAQNAQDLLPAGSVISLPSNSVIEVALPAGAAGGPHPFH
LHGHNFAVVQSANNATPNYVNPIWRDTVSIGGTGDNVTIRFTTNNPGPWFLHCHIDWHLEAGFAIVFAEDIPDTASANPV
PQAWSDLCPAYDQAHNIS
;
_entity_poly.pdbx_strand_id   A
#
loop_
_chem_comp.id
_chem_comp.type
_chem_comp.name
_chem_comp.formula
CL non-polymer 'CHLORIDE ION' 'Cl -1'
CU non-polymer 'COPPER (II) ION' 'Cu 2'
NAG D-saccharide, beta linking 2-acetamido-2-deoxy-beta-D-glucopyranose 'C8 H15 N O6'
#
# COMPACT_ATOMS: atom_id res chain seq x y z
N ALA A 1 13.74 -5.58 15.95
CA ALA A 1 14.81 -5.59 14.93
C ALA A 1 14.23 -5.88 13.55
N GLN A 2 14.91 -5.33 12.54
CA GLN A 2 14.55 -5.54 11.12
C GLN A 2 15.00 -6.96 10.72
N ILE A 3 14.29 -7.58 9.81
CA ILE A 3 14.68 -8.87 9.31
C ILE A 3 14.90 -8.77 7.80
N GLY A 4 15.61 -9.75 7.26
CA GLY A 4 15.90 -9.77 5.85
C GLY A 4 17.29 -9.25 5.54
N PRO A 5 17.69 -9.32 4.27
CA PRO A 5 16.79 -9.68 3.11
C PRO A 5 16.49 -11.18 2.96
N VAL A 6 17.24 -12.06 3.62
CA VAL A 6 16.98 -13.48 3.61
C VAL A 6 16.42 -13.85 4.98
N THR A 7 15.19 -14.32 5.05
CA THR A 7 14.54 -14.59 6.31
C THR A 7 13.37 -15.54 6.13
N ASP A 8 13.03 -16.22 7.23
CA ASP A 8 11.74 -16.88 7.36
C ASP A 8 10.71 -15.85 7.84
N LEU A 9 9.46 -16.12 7.49
CA LEU A 9 8.34 -15.27 7.95
C LEU A 9 7.19 -16.19 8.27
N HIS A 10 6.86 -16.37 9.55
CA HIS A 10 5.76 -17.27 9.91
C HIS A 10 4.45 -16.50 9.98
N ILE A 11 3.42 -17.06 9.40
CA ILE A 11 2.08 -16.50 9.42
C ILE A 11 1.23 -17.33 10.34
N THR A 12 0.71 -16.71 11.38
CA THR A 12 0.03 -17.45 12.46
C THR A 12 -1.23 -16.71 12.85
N ASN A 13 -2.09 -17.44 13.59
CA ASN A 13 -3.16 -16.78 14.26
C ASN A 13 -2.83 -16.51 15.74
N ALA A 14 -3.31 -15.39 16.28
CA ALA A 14 -3.12 -15.08 17.69
C ALA A 14 -4.16 -14.08 18.11
N ASN A 15 -4.41 -13.98 19.41
CA ASN A 15 -5.19 -12.86 19.93
C ASN A 15 -4.33 -11.63 20.15
N ILE A 16 -4.87 -10.47 19.81
CA ILE A 16 -4.22 -9.21 20.08
C ILE A 16 -5.28 -8.20 20.56
N SER A 17 -4.80 -7.15 21.22
CA SER A 17 -5.64 -6.12 21.78
C SER A 17 -5.01 -4.72 21.59
N PRO A 18 -4.85 -4.27 20.36
CA PRO A 18 -4.11 -3.02 20.11
C PRO A 18 -4.81 -1.76 20.58
N ASP A 19 -6.13 -1.85 20.81
CA ASP A 19 -6.95 -0.75 21.33
C ASP A 19 -7.68 -1.13 22.61
N GLY A 20 -7.22 -2.18 23.27
CA GLY A 20 -7.82 -2.69 24.48
C GLY A 20 -8.92 -3.73 24.29
N PHE A 21 -9.35 -4.00 23.06
CA PHE A 21 -10.36 -5.00 22.75
C PHE A 21 -9.66 -6.25 22.17
N SER A 22 -9.87 -7.41 22.75
CA SER A 22 -9.20 -8.61 22.26
C SER A 22 -9.97 -9.23 21.08
N ARG A 23 -9.22 -9.60 20.05
CA ARG A 23 -9.78 -10.39 18.97
C ARG A 23 -8.67 -11.22 18.34
N PRO A 24 -9.02 -12.31 17.65
CA PRO A 24 -8.06 -13.06 16.91
C PRO A 24 -7.66 -12.32 15.63
N ALA A 25 -6.48 -12.66 15.15
CA ALA A 25 -5.84 -11.97 14.03
C ALA A 25 -5.01 -12.95 13.24
N VAL A 26 -4.62 -12.47 12.05
CA VAL A 26 -3.70 -13.15 11.14
C VAL A 26 -2.42 -12.30 11.20
N LEU A 27 -1.32 -12.83 11.68
CA LEU A 27 -0.11 -12.06 11.89
C LEU A 27 1.09 -12.62 11.21
N ALA A 28 1.94 -11.72 10.72
CA ALA A 28 3.29 -12.06 10.31
C ALA A 28 4.24 -11.82 11.46
N GLY A 29 5.09 -12.78 11.74
CA GLY A 29 6.08 -12.55 12.78
C GLY A 29 5.54 -12.34 14.19
N GLY A 30 4.33 -12.76 14.42
CA GLY A 30 3.77 -12.69 15.74
C GLY A 30 3.28 -11.33 16.20
N THR A 31 3.31 -10.31 15.38
CA THR A 31 3.02 -8.97 15.84
C THR A 31 2.12 -8.23 14.83
N PHE A 32 1.46 -7.20 15.34
CA PHE A 32 0.78 -6.21 14.49
C PHE A 32 1.37 -4.83 14.72
N PRO A 33 1.82 -4.12 13.70
CA PRO A 33 2.10 -4.66 12.35
C PRO A 33 3.16 -5.69 12.42
N GLY A 34 3.36 -6.40 11.32
CA GLY A 34 4.44 -7.37 11.20
C GLY A 34 5.79 -6.72 11.30
N PRO A 35 6.84 -7.53 11.42
CA PRO A 35 8.17 -7.00 11.49
C PRO A 35 8.59 -6.32 10.19
N THR A 36 9.47 -5.33 10.30
CA THR A 36 10.00 -4.66 9.12
C THR A 36 10.96 -5.57 8.39
N ILE A 37 10.69 -5.81 7.10
CA ILE A 37 11.60 -6.51 6.22
C ILE A 37 12.47 -5.43 5.57
N ALA A 38 13.76 -5.61 5.57
CA ALA A 38 14.66 -4.58 5.03
C ALA A 38 15.83 -5.18 4.31
N GLY A 39 16.37 -4.37 3.42
CA GLY A 39 17.63 -4.66 2.75
C GLY A 39 18.09 -3.40 2.04
N ASN A 40 19.12 -3.55 1.22
CA ASN A 40 19.63 -2.48 0.39
C ASN A 40 19.20 -2.60 -1.05
N THR A 41 19.23 -1.48 -1.76
CA THR A 41 18.89 -1.46 -3.15
C THR A 41 19.71 -2.54 -3.91
N GLY A 42 19.01 -3.23 -4.81
CA GLY A 42 19.66 -4.29 -5.57
C GLY A 42 19.73 -5.62 -4.90
N ASP A 43 19.38 -5.75 -3.61
CA ASP A 43 19.52 -7.01 -2.90
C ASP A 43 18.56 -8.08 -3.44
N ASN A 44 19.02 -9.31 -3.19
CA ASN A 44 18.20 -10.51 -3.35
C ASN A 44 17.45 -10.79 -2.05
N PHE A 45 16.15 -10.62 -2.06
CA PHE A 45 15.28 -11.03 -0.98
C PHE A 45 14.90 -12.46 -1.18
N GLN A 46 14.99 -13.23 -0.12
CA GLN A 46 14.48 -14.59 -0.11
C GLN A 46 13.64 -14.72 1.13
N ILE A 47 12.35 -14.52 1.01
CA ILE A 47 11.43 -14.49 2.15
C ILE A 47 10.66 -15.78 2.11
N THR A 48 11.01 -16.72 2.99
CA THR A 48 10.32 -18.00 3.03
C THR A 48 9.13 -17.83 3.96
N VAL A 49 7.95 -17.87 3.39
CA VAL A 49 6.69 -17.65 4.09
C VAL A 49 6.14 -18.99 4.53
N PHE A 50 6.01 -19.20 5.83
CA PHE A 50 5.43 -20.40 6.41
C PHE A 50 4.01 -20.13 6.78
N ASN A 51 3.08 -20.81 6.13
CA ASN A 51 1.68 -20.68 6.48
C ASN A 51 1.34 -21.63 7.61
N ASP A 52 1.15 -21.09 8.80
CA ASP A 52 0.76 -21.85 9.98
C ASP A 52 -0.64 -21.50 10.45
N LEU A 53 -1.48 -21.01 9.59
CA LEU A 53 -2.81 -20.61 9.95
C LEU A 53 -3.75 -21.81 10.14
N THR A 54 -4.59 -21.74 11.18
CA THR A 54 -5.53 -22.83 11.48
C THR A 54 -6.94 -22.32 11.68
N ASP A 55 -7.22 -21.01 11.78
CA ASP A 55 -8.56 -20.54 12.08
C ASP A 55 -9.28 -20.20 10.77
N PRO A 56 -10.27 -20.99 10.35
CA PRO A 56 -10.92 -20.71 9.08
C PRO A 56 -11.72 -19.45 9.02
N SER A 57 -12.03 -18.82 10.15
CA SER A 57 -12.76 -17.57 10.11
C SER A 57 -12.01 -16.42 9.51
N MET A 58 -10.68 -16.56 9.37
CA MET A 58 -9.87 -15.56 8.72
C MET A 58 -9.11 -16.10 7.50
N LEU A 59 -9.52 -17.30 7.05
CA LEU A 59 -8.94 -18.05 5.93
C LEU A 59 -7.64 -18.68 6.35
N THR A 60 -7.47 -20.00 6.05
CA THR A 60 -6.26 -20.69 6.37
C THR A 60 -5.24 -20.71 5.21
N ASP A 61 -5.59 -20.24 4.05
CA ASP A 61 -4.65 -20.05 2.95
C ASP A 61 -4.06 -18.64 3.04
N THR A 62 -2.96 -18.38 2.33
CA THR A 62 -2.43 -16.99 2.30
C THR A 62 -1.60 -16.82 1.08
N SER A 63 -1.33 -15.53 0.76
CA SER A 63 -0.40 -15.13 -0.30
C SER A 63 0.04 -13.74 0.06
N ILE A 64 1.31 -13.41 -0.17
CA ILE A 64 1.84 -12.12 0.28
C ILE A 64 2.34 -11.32 -0.90
N HIS A 65 1.91 -10.06 -0.96
CA HIS A 65 2.40 -9.07 -1.94
C HIS A 65 3.35 -8.13 -1.34
N TRP A 66 4.39 -7.79 -2.15
CA TRP A 66 5.45 -6.89 -1.75
C TRP A 66 5.20 -5.58 -2.46
N HIS A 67 4.46 -4.72 -1.79
CA HIS A 67 3.82 -3.58 -2.46
C HIS A 67 4.80 -2.56 -2.91
N GLY A 68 4.78 -2.34 -4.25
CA GLY A 68 5.58 -1.36 -4.90
C GLY A 68 6.83 -1.87 -5.52
N LEU A 69 7.19 -3.13 -5.28
CA LEU A 69 8.38 -3.70 -5.90
C LEU A 69 8.03 -4.20 -7.28
N PHE A 70 8.89 -3.90 -8.28
CA PHE A 70 8.51 -4.13 -9.65
C PHE A 70 8.48 -5.62 -10.07
N GLN A 71 9.27 -6.47 -9.44
CA GLN A 71 9.23 -7.91 -9.73
C GLN A 71 9.57 -8.22 -11.20
N LYS A 72 10.47 -7.45 -11.78
CA LYS A 72 10.81 -7.67 -13.20
C LYS A 72 11.51 -9.03 -13.34
N GLY A 73 10.94 -9.90 -14.19
CA GLY A 73 11.45 -11.24 -14.36
C GLY A 73 11.02 -12.22 -13.27
N THR A 74 10.26 -11.76 -12.26
CA THR A 74 9.80 -12.57 -11.16
C THR A 74 8.32 -12.29 -10.90
N ASN A 75 7.51 -12.22 -11.97
CA ASN A 75 6.09 -11.97 -11.78
C ASN A 75 5.44 -13.00 -10.87
N TRP A 76 5.94 -14.24 -10.91
CA TRP A 76 5.44 -15.31 -10.05
C TRP A 76 5.55 -15.04 -8.57
N ALA A 77 6.42 -14.12 -8.17
CA ALA A 77 6.63 -13.79 -6.75
C ALA A 77 5.85 -12.57 -6.30
N ASP A 78 5.00 -12.00 -7.16
CA ASP A 78 4.34 -10.72 -6.84
C ASP A 78 3.28 -10.87 -5.75
N GLY A 79 2.62 -12.02 -5.64
CA GLY A 79 1.68 -12.25 -4.55
C GLY A 79 0.17 -12.18 -4.77
N PRO A 80 -0.40 -11.46 -5.73
CA PRO A 80 -1.88 -11.40 -5.75
C PRO A 80 -2.50 -12.75 -6.10
N ALA A 81 -3.31 -13.26 -5.19
CA ALA A 81 -3.91 -14.58 -5.37
C ALA A 81 -4.81 -14.59 -6.61
N PHE A 82 -4.57 -15.66 -7.40
CA PHE A 82 -5.30 -15.92 -8.62
C PHE A 82 -4.93 -14.99 -9.78
N VAL A 83 -3.93 -14.13 -9.58
CA VAL A 83 -3.36 -13.34 -10.64
C VAL A 83 -1.97 -13.92 -10.95
N THR A 84 -1.11 -14.00 -9.93
CA THR A 84 0.26 -14.50 -10.11
C THR A 84 0.54 -15.80 -9.45
N GLN A 85 -0.34 -16.29 -8.57
CA GLN A 85 -0.13 -17.58 -7.89
C GLN A 85 -1.45 -18.09 -7.37
N CYS A 86 -1.49 -19.39 -7.08
CA CYS A 86 -2.47 -19.91 -6.16
C CYS A 86 -1.98 -19.67 -4.74
N PRO A 87 -2.89 -19.57 -3.76
CA PRO A 87 -2.49 -19.39 -2.39
C PRO A 87 -1.65 -20.55 -1.84
N ILE A 88 -0.83 -20.22 -0.87
CA ILE A 88 -0.09 -21.20 -0.04
C ILE A 88 -1.07 -21.83 0.95
N ILE A 89 -1.12 -23.14 1.03
CA ILE A 89 -2.04 -23.81 1.95
C ILE A 89 -1.40 -23.98 3.32
N THR A 90 -2.25 -24.18 4.32
CA THR A 90 -1.73 -24.32 5.66
C THR A 90 -0.83 -25.52 5.77
N GLY A 91 0.22 -25.37 6.59
CA GLY A 91 1.24 -26.40 6.78
C GLY A 91 2.33 -26.44 5.72
N GLN A 92 2.27 -25.52 4.76
CA GLN A 92 3.26 -25.44 3.72
C GLN A 92 3.96 -24.11 3.76
N SER A 93 5.03 -24.00 3.01
CA SER A 93 5.81 -22.78 2.91
C SER A 93 6.13 -22.49 1.45
N PHE A 94 6.56 -21.27 1.21
CA PHE A 94 6.90 -20.84 -0.15
C PHE A 94 7.96 -19.76 -0.07
N ASP A 95 9.03 -19.91 -0.88
CA ASP A 95 10.10 -18.93 -0.95
C ASP A 95 9.88 -17.90 -2.03
N TYR A 96 9.56 -16.69 -1.60
CA TYR A 96 9.48 -15.53 -2.48
C TYR A 96 10.90 -15.03 -2.65
N ASN A 97 11.48 -15.31 -3.83
CA ASN A 97 12.88 -15.10 -4.14
C ASN A 97 12.97 -14.12 -5.26
N PHE A 98 13.35 -12.88 -4.97
CA PHE A 98 13.31 -11.80 -5.97
C PHE A 98 14.39 -10.81 -5.67
N ASN A 99 14.61 -9.90 -6.62
CA ASN A 99 15.62 -8.88 -6.51
C ASN A 99 14.92 -7.52 -6.62
N VAL A 100 15.59 -6.47 -6.10
CA VAL A 100 15.08 -5.10 -6.12
C VAL A 100 16.09 -4.15 -6.83
N PRO A 101 16.38 -4.42 -8.08
CA PRO A 101 17.23 -3.47 -8.80
C PRO A 101 16.54 -2.14 -9.00
N GLY A 102 17.28 -1.05 -8.87
CA GLY A 102 16.81 0.24 -9.28
C GLY A 102 15.75 0.83 -8.37
N GLN A 103 15.48 0.22 -7.23
CA GLN A 103 14.49 0.78 -6.33
C GLN A 103 15.13 0.97 -4.96
N ALA A 104 14.67 2.01 -4.28
CA ALA A 104 15.07 2.30 -2.90
C ALA A 104 14.04 3.25 -2.34
N GLY A 105 13.53 2.92 -1.19
CA GLY A 105 12.50 3.71 -0.58
C GLY A 105 11.70 2.90 0.39
N THR A 106 10.50 3.41 0.64
CA THR A 106 9.60 2.87 1.65
C THR A 106 8.47 2.13 0.99
N PHE A 107 8.33 0.85 1.34
CA PHE A 107 7.36 -0.06 0.80
C PHE A 107 6.63 -0.76 1.94
N TRP A 108 5.80 -1.76 1.61
CA TRP A 108 5.16 -2.56 2.66
C TRP A 108 4.76 -3.88 2.09
N TYR A 109 4.37 -4.83 2.96
CA TYR A 109 3.91 -6.10 2.49
C TYR A 109 2.57 -6.43 3.16
N HIS A 110 1.79 -7.23 2.49
CA HIS A 110 0.46 -7.56 3.02
C HIS A 110 -0.10 -8.76 2.35
N SER A 111 -1.01 -9.47 3.07
CA SER A 111 -1.77 -10.53 2.38
C SER A 111 -2.45 -9.96 1.14
N HIS A 112 -2.50 -10.77 0.15
CA HIS A 112 -3.23 -10.41 -1.09
C HIS A 112 -4.17 -11.52 -1.49
N LEU A 113 -4.80 -12.11 -0.45
CA LEU A 113 -5.89 -13.08 -0.58
C LEU A 113 -7.14 -12.47 0.05
N SER A 114 -8.19 -12.30 -0.72
CA SER A 114 -9.46 -11.81 -0.15
C SER A 114 -9.16 -10.51 0.66
N THR A 115 -9.85 -10.34 1.78
CA THR A 115 -9.68 -9.21 2.64
C THR A 115 -8.81 -9.56 3.84
N GLN A 116 -7.97 -10.60 3.71
CA GLN A 116 -7.18 -11.09 4.81
C GLN A 116 -6.20 -10.08 5.41
N TYR A 117 -5.68 -9.11 4.61
CA TYR A 117 -4.75 -8.20 5.26
C TYR A 117 -5.44 -7.35 6.31
N CYS A 118 -6.72 -7.16 6.16
CA CYS A 118 -7.43 -6.42 7.17
C CYS A 118 -7.37 -7.08 8.53
N ASP A 119 -7.32 -8.40 8.55
CA ASP A 119 -7.25 -9.21 9.77
C ASP A 119 -5.84 -9.23 10.39
N GLY A 120 -4.85 -8.53 9.78
CA GLY A 120 -3.61 -8.26 10.46
C GLY A 120 -2.34 -8.48 9.71
N LEU A 121 -2.37 -9.09 8.53
CA LEU A 121 -1.13 -9.49 7.84
C LEU A 121 -0.62 -8.28 7.01
N ARG A 122 0.08 -7.39 7.65
CA ARG A 122 0.56 -6.14 7.06
C ARG A 122 1.77 -5.70 7.77
N GLY A 123 2.83 -5.23 7.09
CA GLY A 123 3.97 -4.72 7.77
C GLY A 123 4.84 -3.88 6.83
N PRO A 124 5.82 -3.16 7.35
CA PRO A 124 6.70 -2.31 6.52
C PRO A 124 7.78 -3.08 5.81
N PHE A 125 8.25 -2.48 4.69
CA PHE A 125 9.29 -3.13 3.89
C PHE A 125 10.20 -1.98 3.43
N VAL A 126 11.42 -1.90 3.83
CA VAL A 126 12.31 -0.77 3.55
C VAL A 126 13.49 -1.21 2.74
N VAL A 127 13.76 -0.49 1.64
CA VAL A 127 14.94 -0.73 0.81
C VAL A 127 15.80 0.50 0.95
N TYR A 128 16.90 0.38 1.71
CA TYR A 128 17.80 1.48 1.94
C TYR A 128 18.72 1.70 0.75
N ASP A 129 19.17 2.94 0.61
CA ASP A 129 20.12 3.32 -0.46
C ASP A 129 21.44 3.79 0.18
N PRO A 130 22.52 3.01 0.04
CA PRO A 130 23.79 3.38 0.64
C PRO A 130 24.36 4.70 0.12
N ASN A 131 23.90 5.13 -1.04
CA ASN A 131 24.30 6.34 -1.68
C ASN A 131 23.10 7.29 -1.90
N ASP A 132 22.19 7.27 -0.89
CA ASP A 132 20.92 8.02 -1.03
C ASP A 132 21.22 9.51 -1.30
N PRO A 133 20.62 10.09 -2.32
CA PRO A 133 20.86 11.50 -2.58
C PRO A 133 20.30 12.41 -1.52
N ASN A 134 19.37 11.96 -0.70
CA ASN A 134 18.81 12.74 0.40
C ASN A 134 19.55 12.56 1.74
N ALA A 135 20.64 11.79 1.78
CA ALA A 135 21.30 11.40 3.04
C ALA A 135 21.68 12.57 3.90
N SER A 136 22.10 13.67 3.33
CA SER A 136 22.58 14.77 4.10
C SER A 136 21.48 15.58 4.74
N LEU A 137 20.22 15.27 4.45
CA LEU A 137 19.11 16.03 5.00
C LEU A 137 18.70 15.59 6.41
N TYR A 138 19.22 14.48 6.89
CA TYR A 138 18.84 13.94 8.18
C TYR A 138 19.96 13.19 8.82
N ASP A 139 19.80 12.95 10.13
CA ASP A 139 20.79 12.27 10.94
C ASP A 139 20.41 10.84 11.28
N VAL A 140 19.11 10.54 11.44
CA VAL A 140 18.62 9.24 11.90
C VAL A 140 17.60 8.69 10.92
N ASP A 141 17.78 7.42 10.57
CA ASP A 141 16.85 6.70 9.68
C ASP A 141 16.93 5.23 10.04
N ASP A 142 16.00 4.73 10.82
CA ASP A 142 16.10 3.32 11.29
C ASP A 142 14.71 2.83 11.66
N ASP A 143 14.62 1.67 12.32
CA ASP A 143 13.32 1.14 12.66
C ASP A 143 12.46 2.09 13.52
N THR A 144 13.12 2.94 14.32
CA THR A 144 12.44 3.83 15.22
C THR A 144 11.88 5.06 14.46
N THR A 145 12.14 5.23 13.20
CA THR A 145 11.59 6.32 12.41
C THR A 145 10.50 5.91 11.45
N ILE A 146 10.08 4.68 11.51
CA ILE A 146 8.93 4.19 10.73
C ILE A 146 7.64 4.49 11.46
N ILE A 147 6.67 5.10 10.79
CA ILE A 147 5.37 5.39 11.38
C ILE A 147 4.35 4.70 10.50
N THR A 148 3.64 3.68 11.03
CA THR A 148 2.57 3.07 10.34
C THR A 148 1.20 3.59 10.78
N LEU A 149 0.30 3.76 9.83
CA LEU A 149 -1.10 4.15 10.09
C LEU A 149 -1.98 3.03 9.66
N ALA A 150 -2.82 2.52 10.57
CA ALA A 150 -3.66 1.39 10.27
C ALA A 150 -5.07 1.62 10.81
N ASP A 151 -6.04 1.11 10.09
CA ASP A 151 -7.39 0.93 10.55
C ASP A 151 -7.51 -0.43 11.21
N TRP A 152 -8.36 -0.53 12.22
CA TRP A 152 -8.52 -1.76 12.95
C TRP A 152 -10.00 -1.97 13.21
N TYR A 153 -10.44 -3.20 13.05
CA TYR A 153 -11.85 -3.58 13.11
C TYR A 153 -12.07 -4.58 14.22
N HIS A 154 -13.16 -4.45 14.94
CA HIS A 154 -13.52 -5.45 15.95
C HIS A 154 -14.14 -6.68 15.32
N THR A 155 -14.91 -6.49 14.26
CA THR A 155 -15.53 -7.58 13.51
C THR A 155 -14.47 -8.14 12.54
N LEU A 156 -14.44 -9.47 12.44
CA LEU A 156 -13.51 -10.15 11.51
C LEU A 156 -13.89 -9.88 10.07
N ALA A 157 -12.90 -9.74 9.17
CA ALA A 157 -13.13 -9.33 7.81
C ALA A 157 -14.13 -10.20 7.08
N GLN A 158 -14.02 -11.54 7.25
CA GLN A 158 -14.94 -12.46 6.58
C GLN A 158 -16.37 -12.40 7.13
N GLN A 159 -16.52 -11.80 8.31
CA GLN A 159 -17.77 -11.81 9.09
C GLN A 159 -18.45 -10.45 9.02
N GLU A 160 -18.02 -9.53 8.16
CA GLU A 160 -18.65 -8.23 7.98
C GLU A 160 -19.97 -8.50 7.28
N PRO A 161 -21.10 -8.11 7.91
CA PRO A 161 -22.37 -8.55 7.34
C PRO A 161 -22.68 -7.95 5.96
N ILE A 162 -23.20 -8.78 5.06
CA ILE A 162 -23.59 -8.35 3.73
C ILE A 162 -24.59 -7.24 3.86
N GLY A 163 -24.32 -6.09 3.28
CA GLY A 163 -25.35 -5.05 3.24
C GLY A 163 -25.29 -4.00 4.35
N ALA A 164 -24.38 -4.17 5.26
CA ALA A 164 -24.17 -3.17 6.31
C ALA A 164 -22.90 -2.38 6.00
N ALA A 165 -22.84 -1.12 6.42
CA ALA A 165 -21.67 -0.30 6.20
C ALA A 165 -20.55 -0.82 7.05
N ILE A 166 -19.36 -0.81 6.45
CA ILE A 166 -18.12 -1.20 7.07
C ILE A 166 -17.37 0.04 7.50
N THR A 167 -17.19 0.21 8.82
N THR A 167 -17.03 0.09 8.80
CA THR A 167 -16.25 1.22 9.32
CA THR A 167 -16.40 1.24 9.44
C THR A 167 -15.38 0.64 10.40
N ALA A 168 -14.22 1.24 10.53
CA ALA A 168 -13.27 0.79 11.50
C ALA A 168 -13.65 1.18 12.91
N ASP A 169 -13.02 0.50 13.88
CA ASP A 169 -13.21 0.72 15.30
C ASP A 169 -12.10 1.49 15.98
N ALA A 170 -10.94 1.60 15.35
CA ALA A 170 -9.81 2.32 15.95
C ALA A 170 -8.89 2.69 14.80
N THR A 171 -8.13 3.75 15.05
CA THR A 171 -6.90 4.08 14.32
C THR A 171 -5.71 3.67 15.16
N LEU A 172 -4.79 2.91 14.55
CA LEU A 172 -3.60 2.46 15.21
C LEU A 172 -2.38 3.16 14.55
N ILE A 173 -1.56 3.76 15.37
CA ILE A 173 -0.30 4.39 14.96
C ILE A 173 0.79 3.54 15.57
N ASN A 174 1.64 2.95 14.72
CA ASN A 174 2.63 2.00 15.22
C ASN A 174 2.00 0.93 16.07
N GLY A 175 0.84 0.46 15.65
CA GLY A 175 0.22 -0.68 16.27
C GLY A 175 -0.64 -0.40 17.50
N LEU A 176 -0.75 0.83 17.96
CA LEU A 176 -1.48 1.16 19.16
C LEU A 176 -2.40 2.31 18.91
N GLY A 177 -3.53 2.31 19.59
CA GLY A 177 -4.48 3.41 19.54
C GLY A 177 -5.70 3.06 20.33
N ARG A 178 -6.63 4.02 20.38
CA ARG A 178 -7.81 3.85 21.19
C ARG A 178 -9.07 3.70 20.36
N SER A 179 -10.02 2.94 20.91
CA SER A 179 -11.27 2.66 20.15
C SER A 179 -12.19 3.84 20.08
N PHE A 180 -12.92 3.99 19.00
CA PHE A 180 -13.83 5.09 18.81
C PHE A 180 -15.02 5.07 19.74
N THR A 181 -15.49 3.89 20.03
CA THR A 181 -16.62 3.69 20.97
C THR A 181 -16.10 2.86 22.11
N ASN A 182 -16.74 3.00 23.26
CA ASN A 182 -16.28 2.39 24.50
C ASN A 182 -14.77 2.62 24.66
N THR A 183 -14.36 3.89 24.50
CA THR A 183 -12.95 4.21 24.50
C THR A 183 -12.39 3.89 25.88
N THR A 184 -11.30 3.18 25.90
CA THR A 184 -10.53 3.02 27.09
C THR A 184 -9.15 3.57 26.95
N ALA A 185 -8.52 3.87 28.07
CA ALA A 185 -7.23 4.55 28.05
C ALA A 185 -6.07 3.58 27.90
N SER A 186 -6.13 2.79 26.86
CA SER A 186 -5.11 1.86 26.51
C SER A 186 -3.86 2.61 26.02
N PRO A 187 -2.68 1.97 26.07
CA PRO A 187 -1.45 2.70 25.76
C PRO A 187 -1.39 3.26 24.36
N LEU A 188 -0.86 4.46 24.27
CA LEU A 188 -0.54 5.12 22.99
C LEU A 188 0.90 4.88 22.59
N SER A 189 1.14 4.86 21.27
CA SER A 189 2.49 4.80 20.80
C SER A 189 3.27 6.07 21.10
N VAL A 190 4.56 5.92 21.38
CA VAL A 190 5.49 7.00 21.60
C VAL A 190 6.59 6.94 20.56
N ILE A 191 6.84 8.04 19.91
CA ILE A 191 7.93 8.22 18.98
C ILE A 191 8.90 9.17 19.71
N THR A 192 10.12 8.75 19.93
CA THR A 192 11.10 9.54 20.73
C THR A 192 12.11 10.23 19.78
N VAL A 193 12.39 11.49 20.05
CA VAL A 193 13.36 12.25 19.32
C VAL A 193 14.27 12.99 20.30
N GLN A 194 15.48 13.33 19.85
CA GLN A 194 16.40 14.13 20.60
C GLN A 194 16.46 15.55 20.02
N SER A 195 16.32 16.52 20.89
CA SER A 195 16.44 17.92 20.57
C SER A 195 17.67 18.18 19.72
N GLY A 196 17.44 18.82 18.59
CA GLY A 196 18.50 19.19 17.67
C GLY A 196 18.72 18.23 16.51
N LYS A 197 18.30 16.98 16.62
CA LYS A 197 18.49 16.02 15.55
C LYS A 197 17.38 16.09 14.47
N ARG A 198 17.74 15.56 13.29
CA ARG A 198 16.82 15.52 12.17
CA ARG A 198 16.82 15.49 12.15
C ARG A 198 16.58 14.02 11.82
N TYR A 199 15.34 13.68 11.58
CA TYR A 199 14.92 12.27 11.43
C TYR A 199 14.26 12.09 10.06
N ARG A 200 14.60 10.99 9.38
CA ARG A 200 13.81 10.58 8.22
C ARG A 200 12.66 9.70 8.67
N MET A 201 11.49 10.34 8.82
CA MET A 201 10.30 9.59 9.19
C MET A 201 9.74 8.96 7.94
N ARG A 202 9.47 7.67 8.03
CA ARG A 202 8.92 6.88 6.93
C ARG A 202 7.48 6.59 7.25
N LEU A 203 6.56 7.32 6.65
CA LEU A 203 5.14 7.25 6.91
C LEU A 203 4.49 6.30 5.95
N VAL A 204 3.90 5.23 6.53
CA VAL A 204 3.34 4.15 5.73
C VAL A 204 1.89 3.98 6.04
N SER A 205 1.02 4.16 5.06
CA SER A 205 -0.36 3.76 5.25
C SER A 205 -0.53 2.27 4.92
N ILE A 206 -0.82 1.49 5.99
CA ILE A 206 -1.18 0.07 5.83
C ILE A 206 -2.68 -0.07 5.95
N SER A 207 -3.45 0.98 5.61
CA SER A 207 -4.90 0.96 5.70
C SER A 207 -5.55 0.00 4.74
N CYS A 208 -6.65 -0.58 5.23
CA CYS A 208 -7.62 -1.30 4.37
C CYS A 208 -8.61 -0.40 3.74
N ASP A 209 -8.77 0.86 4.20
CA ASP A 209 -9.83 1.72 3.70
C ASP A 209 -9.57 3.20 3.89
N PRO A 210 -9.63 3.75 5.16
CA PRO A 210 -9.61 5.20 5.23
C PRO A 210 -8.31 5.81 4.79
N ASN A 211 -8.46 7.06 4.35
CA ASN A 211 -7.37 8.01 4.23
C ASN A 211 -7.24 8.77 5.55
N TYR A 212 -6.03 9.21 5.85
CA TYR A 212 -5.75 9.93 7.10
C TYR A 212 -5.21 11.31 6.83
N LEU A 213 -5.66 12.26 7.65
CA LEU A 213 -5.03 13.59 7.71
C LEU A 213 -4.00 13.53 8.79
N PHE A 214 -2.72 13.46 8.46
CA PHE A 214 -1.61 13.25 9.41
C PHE A 214 -0.90 14.54 9.70
N SER A 215 -0.68 14.81 10.98
CA SER A 215 0.06 15.99 11.38
C SER A 215 0.69 15.76 12.71
N ILE A 216 1.62 16.63 13.07
CA ILE A 216 2.35 16.60 14.34
C ILE A 216 2.30 17.99 14.92
N ASP A 217 1.67 18.12 16.09
CA ASP A 217 1.50 19.47 16.67
C ASP A 217 2.87 20.12 16.80
N GLY A 218 2.93 21.38 16.47
CA GLY A 218 4.14 22.20 16.61
C GLY A 218 5.21 22.00 15.59
N HIS A 219 5.03 20.99 14.74
CA HIS A 219 6.10 20.63 13.84
C HIS A 219 5.57 20.79 12.41
C HIS A 219 5.87 20.44 12.31
N ASP A 220 6.54 20.90 11.51
N ASP A 220 6.68 21.11 11.51
CA ASP A 220 6.26 20.73 10.10
CA ASP A 220 6.60 20.94 10.04
C ASP A 220 7.11 19.57 9.56
N MET A 221 6.84 19.22 8.34
CA MET A 221 7.31 17.97 7.75
C MET A 221 7.84 18.29 6.36
N THR A 222 9.07 17.87 6.06
CA THR A 222 9.63 18.17 4.72
C THR A 222 9.67 16.88 3.91
N ILE A 223 8.77 16.73 2.95
CA ILE A 223 8.67 15.51 2.16
C ILE A 223 9.88 15.39 1.23
N ILE A 224 10.47 14.19 1.23
CA ILE A 224 11.64 13.84 0.43
C ILE A 224 11.43 12.59 -0.40
N GLU A 225 10.34 11.84 -0.19
CA GLU A 225 10.06 10.60 -0.94
C GLU A 225 8.58 10.40 -1.00
N VAL A 226 8.13 9.89 -2.13
CA VAL A 226 6.71 9.60 -2.40
C VAL A 226 6.63 8.21 -2.99
N ASP A 227 6.03 7.23 -2.28
CA ASP A 227 5.85 5.89 -2.84
C ASP A 227 7.14 5.34 -3.48
N GLY A 228 8.27 5.50 -2.83
CA GLY A 228 9.52 5.03 -3.37
C GLY A 228 10.27 5.97 -4.31
N VAL A 229 9.72 7.09 -4.66
CA VAL A 229 10.31 8.02 -5.60
C VAL A 229 10.86 9.22 -4.86
N ASN A 230 12.16 9.49 -4.97
CA ASN A 230 12.72 10.67 -4.30
C ASN A 230 12.11 11.93 -4.85
N SER A 231 11.75 12.87 -3.97
CA SER A 231 11.15 14.17 -4.36
C SER A 231 12.07 15.29 -4.02
N GLN A 232 11.85 16.42 -4.70
CA GLN A 232 12.32 17.70 -4.18
C GLN A 232 11.70 17.92 -2.81
N GLN A 233 12.43 18.66 -1.98
CA GLN A 233 11.93 18.96 -0.64
C GLN A 233 10.67 19.80 -0.71
N LEU A 234 9.63 19.37 0.02
CA LEU A 234 8.37 20.09 0.06
C LEU A 234 7.94 20.15 1.53
N THR A 235 7.92 21.37 2.11
CA THR A 235 7.53 21.50 3.52
C THR A 235 6.03 21.69 3.65
N VAL A 236 5.42 20.86 4.49
CA VAL A 236 4.01 20.84 4.69
C VAL A 236 3.70 20.77 6.19
N ASP A 237 2.51 21.12 6.61
CA ASP A 237 2.10 20.91 8.01
C ASP A 237 1.03 19.85 8.18
N GLN A 238 0.55 19.24 7.09
CA GLN A 238 -0.43 18.17 7.16
C GLN A 238 -0.27 17.37 5.91
N ILE A 239 -0.42 16.05 6.01
CA ILE A 239 -0.37 15.16 4.87
C ILE A 239 -1.63 14.33 4.85
N GLN A 240 -2.41 14.41 3.75
CA GLN A 240 -3.52 13.47 3.52
C GLN A 240 -2.94 12.27 2.82
N ILE A 241 -2.94 11.13 3.48
CA ILE A 241 -2.34 9.90 2.97
C ILE A 241 -3.39 8.86 2.76
N PHE A 242 -3.46 8.35 1.54
CA PHE A 242 -4.47 7.37 1.15
C PHE A 242 -3.95 5.96 1.36
N ALA A 243 -4.86 5.00 1.35
CA ALA A 243 -4.48 3.60 1.61
C ALA A 243 -3.35 3.20 0.70
N ALA A 244 -2.31 2.61 1.32
CA ALA A 244 -1.18 2.01 0.65
C ALA A 244 -0.08 2.96 0.21
N GLN A 245 -0.30 4.26 0.35
CA GLN A 245 0.73 5.27 0.02
C GLN A 245 1.82 5.34 1.09
N ARG A 246 2.98 5.87 0.69
CA ARG A 246 4.07 6.12 1.61
C ARG A 246 4.66 7.47 1.36
N TYR A 247 5.11 8.15 2.39
CA TYR A 247 5.95 9.33 2.29
C TYR A 247 7.11 9.24 3.22
N SER A 248 8.29 9.70 2.82
CA SER A 248 9.27 10.04 3.82
C SER A 248 9.31 11.53 4.01
N PHE A 249 9.45 11.98 5.26
CA PHE A 249 9.61 13.37 5.55
C PHE A 249 10.69 13.56 6.60
N VAL A 250 11.37 14.69 6.47
CA VAL A 250 12.30 15.10 7.50
C VAL A 250 11.53 15.78 8.60
N LEU A 251 11.76 15.29 9.82
CA LEU A 251 11.26 15.91 11.04
C LEU A 251 12.47 16.52 11.71
N ASN A 252 12.43 17.81 11.93
CA ASN A 252 13.50 18.52 12.65
C ASN A 252 13.01 18.65 14.07
N ALA A 253 13.75 18.06 15.03
CA ALA A 253 13.36 18.15 16.44
C ALA A 253 13.78 19.51 17.01
N ASN A 254 13.09 20.56 16.55
CA ASN A 254 13.46 21.97 16.75
C ASN A 254 12.48 22.73 17.62
N GLN A 255 11.62 22.02 18.34
CA GLN A 255 10.67 22.65 19.22
C GLN A 255 11.14 22.48 20.67
N PRO A 256 10.54 23.15 21.64
CA PRO A 256 11.00 22.95 23.01
C PRO A 256 10.85 21.52 23.47
N VAL A 257 11.79 21.05 24.30
CA VAL A 257 11.70 19.74 24.85
C VAL A 257 10.32 19.59 25.52
N GLY A 258 9.58 18.55 25.12
CA GLY A 258 8.25 18.38 25.52
C GLY A 258 7.59 17.15 24.85
N ASN A 259 6.27 17.14 24.99
CA ASN A 259 5.36 16.13 24.42
C ASN A 259 4.43 16.82 23.43
N TYR A 260 4.25 16.23 22.27
CA TYR A 260 3.45 16.81 21.21
C TYR A 260 2.54 15.74 20.64
N TRP A 261 1.29 16.04 20.38
CA TRP A 261 0.40 15.06 19.78
C TRP A 261 0.75 14.81 18.31
N ILE A 262 0.77 13.55 17.96
CA ILE A 262 0.75 13.06 16.60
C ILE A 262 -0.70 12.69 16.27
N ARG A 263 -1.22 13.22 15.16
CA ARG A 263 -2.61 13.10 14.83
C ARG A 263 -2.76 12.36 13.49
N ALA A 264 -3.75 11.44 13.44
CA ALA A 264 -4.09 10.78 12.17
C ALA A 264 -5.60 10.66 12.10
N GLN A 265 -6.22 11.59 11.39
CA GLN A 265 -7.69 11.65 11.37
C GLN A 265 -8.22 10.88 10.15
N PRO A 266 -8.91 9.74 10.35
CA PRO A 266 -9.48 9.06 9.23
C PRO A 266 -10.69 9.79 8.62
N ASN A 267 -10.98 9.48 7.36
CA ASN A 267 -12.13 10.07 6.69
C ASN A 267 -13.45 9.46 7.06
N SER A 268 -13.44 8.32 7.69
CA SER A 268 -14.61 7.66 8.23
C SER A 268 -14.21 7.15 9.62
N GLY A 269 -15.16 6.70 10.42
CA GLY A 269 -14.89 6.35 11.81
C GLY A 269 -14.87 7.57 12.68
N GLY A 270 -14.20 7.47 13.82
CA GLY A 270 -14.26 8.47 14.81
C GLY A 270 -13.65 9.78 14.38
N GLN A 271 -14.39 10.85 14.58
CA GLN A 271 -13.96 12.16 14.25
C GLN A 271 -13.46 12.87 15.48
N GLY A 272 -12.30 13.48 15.35
CA GLY A 272 -11.64 14.20 16.42
C GLY A 272 -10.75 13.29 17.26
N PHE A 273 -10.43 13.74 18.46
CA PHE A 273 -9.39 13.23 19.27
C PHE A 273 -9.82 13.00 20.72
N ASP A 274 -11.15 12.99 20.98
CA ASP A 274 -11.60 12.83 22.36
C ASP A 274 -11.12 11.52 22.94
N GLY A 275 -10.62 11.55 24.18
CA GLY A 275 -10.11 10.39 24.84
C GLY A 275 -8.80 9.87 24.29
N GLY A 276 -8.16 10.59 23.39
CA GLY A 276 -6.96 10.20 22.78
C GLY A 276 -7.10 9.23 21.59
N ILE A 277 -8.30 9.18 20.99
CA ILE A 277 -8.40 8.42 19.73
C ILE A 277 -7.62 9.14 18.66
N ASN A 278 -7.26 8.40 17.59
CA ASN A 278 -6.61 9.03 16.42
C ASN A 278 -5.28 9.69 16.73
N SER A 279 -4.59 9.22 17.78
CA SER A 279 -3.46 9.89 18.35
C SER A 279 -2.30 9.00 18.72
N ALA A 280 -1.13 9.61 18.69
CA ALA A 280 0.10 9.08 19.27
C ALA A 280 0.91 10.24 19.89
N ILE A 281 2.06 9.92 20.48
CA ILE A 281 2.85 10.94 21.19
C ILE A 281 4.25 11.08 20.61
N LEU A 282 4.64 12.30 20.27
CA LEU A 282 6.04 12.62 19.95
C LEU A 282 6.66 13.15 21.25
N ARG A 283 7.62 12.43 21.78
CA ARG A 283 8.27 12.76 23.05
C ARG A 283 9.74 13.09 22.84
N TYR A 284 10.17 14.25 23.31
CA TYR A 284 11.56 14.61 23.24
C TYR A 284 12.28 13.93 24.43
N GLU A 285 13.49 13.49 24.21
CA GLU A 285 14.33 13.04 25.30
C GLU A 285 14.46 14.13 26.36
N GLY A 286 14.25 13.72 27.64
CA GLY A 286 14.24 14.64 28.75
C GLY A 286 12.89 15.24 29.11
N ALA A 287 11.87 15.04 28.27
CA ALA A 287 10.49 15.46 28.58
C ALA A 287 9.90 14.59 29.69
N THR A 288 8.95 15.14 30.41
CA THR A 288 8.16 14.43 31.37
C THR A 288 7.36 13.34 30.65
N VAL A 289 7.24 12.20 31.32
CA VAL A 289 6.39 11.12 30.80
C VAL A 289 4.92 11.41 31.15
N GLU A 290 4.27 12.08 30.24
CA GLU A 290 2.87 12.52 30.38
C GLU A 290 2.36 12.84 28.99
N ASP A 291 1.05 12.95 28.92
CA ASP A 291 0.41 13.22 27.64
C ASP A 291 0.71 14.64 27.18
N PRO A 292 0.80 14.87 25.89
CA PRO A 292 0.84 16.21 25.40
C PRO A 292 -0.36 17.05 25.83
N THR A 293 -0.14 18.36 25.82
CA THR A 293 -1.16 19.34 26.05
C THR A 293 -1.38 20.28 24.83
N THR A 294 -0.75 19.94 23.72
CA THR A 294 -0.80 20.73 22.52
C THR A 294 -2.13 20.64 21.81
N THR A 295 -2.45 21.64 21.00
CA THR A 295 -3.64 21.52 20.10
C THR A 295 -3.23 21.69 18.67
N ALA A 296 -4.06 21.18 17.79
CA ALA A 296 -3.97 21.46 16.38
C ALA A 296 -4.45 22.86 16.04
N PRO A 297 -4.07 23.43 14.90
CA PRO A 297 -4.73 24.68 14.46
C PRO A 297 -6.16 24.35 14.00
N THR A 298 -6.95 25.37 13.83
CA THR A 298 -8.28 25.19 13.19
C THR A 298 -8.12 24.83 11.74
N THR A 299 -7.20 25.52 11.04
CA THR A 299 -6.95 25.37 9.67
C THR A 299 -5.44 25.22 9.54
N PHE A 300 -5.03 24.25 8.74
CA PHE A 300 -3.60 24.04 8.48
C PHE A 300 -3.09 25.02 7.43
N SER A 301 -1.89 25.53 7.63
CA SER A 301 -1.37 26.59 6.77
C SER A 301 -0.83 26.03 5.45
N ASN A 302 -0.25 24.86 5.46
CA ASN A 302 0.45 24.32 4.29
C ASN A 302 0.16 22.86 4.12
N PRO A 303 -1.08 22.51 3.82
CA PRO A 303 -1.36 21.09 3.61
C PRO A 303 -0.67 20.60 2.34
N LEU A 304 -0.32 19.33 2.30
CA LEU A 304 0.13 18.73 1.05
C LEU A 304 -0.93 18.85 -0.05
N VAL A 305 -0.48 19.27 -1.21
CA VAL A 305 -1.27 19.24 -2.45
C VAL A 305 -0.37 18.45 -3.44
N GLU A 306 -0.90 17.42 -4.08
CA GLU A 306 -0.06 16.49 -4.84
C GLU A 306 0.64 17.12 -6.00
N THR A 307 0.04 18.15 -6.60
CA THR A 307 0.67 18.82 -7.74
C THR A 307 1.88 19.65 -7.32
N ASP A 308 2.08 19.86 -6.02
CA ASP A 308 3.26 20.51 -5.52
C ASP A 308 4.49 19.65 -5.42
N LEU A 309 4.29 18.31 -5.50
CA LEU A 309 5.39 17.37 -5.44
C LEU A 309 6.05 17.24 -6.80
N HIS A 310 7.39 17.16 -6.81
CA HIS A 310 8.12 16.95 -8.07
C HIS A 310 9.25 16.00 -7.79
N PRO A 311 9.60 15.13 -8.76
CA PRO A 311 10.73 14.25 -8.56
C PRO A 311 12.05 15.00 -8.34
N LEU A 312 12.90 14.37 -7.52
CA LEU A 312 14.26 14.87 -7.35
C LEU A 312 15.07 14.72 -8.64
N ALA A 313 14.97 13.56 -9.26
CA ALA A 313 15.60 13.29 -10.58
C ALA A 313 14.79 13.84 -11.69
N ASP A 314 15.38 13.98 -12.86
CA ASP A 314 14.68 14.50 -14.03
C ASP A 314 13.95 13.28 -14.69
N LEU A 315 12.75 12.98 -14.20
CA LEU A 315 12.00 11.82 -14.66
C LEU A 315 11.13 12.11 -15.88
N GLY A 316 10.70 13.37 -16.03
CA GLY A 316 9.82 13.75 -17.11
C GLY A 316 8.51 12.98 -17.10
N VAL A 317 7.91 12.91 -18.31
CA VAL A 317 6.66 12.19 -18.54
C VAL A 317 6.81 11.50 -19.91
N PRO A 318 6.53 10.22 -20.02
CA PRO A 318 6.65 9.58 -21.35
C PRO A 318 5.48 10.02 -22.26
N GLY A 319 5.67 9.90 -23.56
CA GLY A 319 4.62 10.25 -24.49
C GLY A 319 4.64 11.70 -24.87
N GLN A 320 3.50 12.17 -25.38
CA GLN A 320 3.36 13.53 -25.89
C GLN A 320 2.51 14.36 -24.95
N PRO A 321 2.69 15.68 -24.96
CA PRO A 321 2.06 16.52 -23.92
C PRO A 321 0.61 16.94 -24.16
N PHE A 322 -0.25 15.94 -24.32
CA PHE A 322 -1.70 16.17 -24.48
C PHE A 322 -2.44 14.88 -24.20
N ARG A 323 -3.73 14.99 -23.93
CA ARG A 323 -4.56 13.82 -23.61
C ARG A 323 -4.58 12.88 -24.78
N GLY A 324 -4.37 11.61 -24.51
CA GLY A 324 -4.31 10.67 -25.61
C GLY A 324 -2.99 10.58 -26.30
N GLY A 325 -2.00 11.35 -25.83
CA GLY A 325 -0.64 11.36 -26.44
C GLY A 325 0.23 10.20 -25.95
N ALA A 326 -0.24 9.01 -26.27
CA ALA A 326 0.44 7.76 -25.86
C ALA A 326 0.23 6.73 -26.97
N ASP A 327 1.03 5.72 -26.99
CA ASP A 327 0.87 4.59 -27.88
C ASP A 327 -0.44 3.82 -27.63
N ASP A 328 -0.80 3.69 -26.36
CA ASP A 328 -2.02 2.93 -25.95
C ASP A 328 -2.74 3.79 -24.91
N PRO A 329 -3.57 4.71 -25.37
CA PRO A 329 -4.35 5.51 -24.49
C PRO A 329 -5.65 4.84 -24.11
N LEU A 330 -5.89 4.70 -22.84
CA LEU A 330 -7.06 4.04 -22.27
C LEU A 330 -7.82 5.00 -21.41
N VAL A 331 -9.12 4.79 -21.40
CA VAL A 331 -10.02 5.51 -20.49
C VAL A 331 -10.90 4.45 -19.85
N LEU A 332 -10.77 4.25 -18.56
CA LEU A 332 -11.50 3.20 -17.89
C LEU A 332 -12.83 3.77 -17.37
N ASN A 333 -13.89 2.98 -17.58
CA ASN A 333 -15.23 3.35 -17.04
C ASN A 333 -15.38 2.64 -15.69
N LEU A 334 -15.25 3.39 -14.61
CA LEU A 334 -15.22 2.90 -13.23
C LEU A 334 -16.59 3.13 -12.60
N ALA A 335 -17.26 2.05 -12.20
CA ALA A 335 -18.64 2.24 -11.76
C ALA A 335 -18.92 1.32 -10.53
N PHE A 336 -20.00 1.66 -9.83
CA PHE A 336 -20.53 0.93 -8.68
C PHE A 336 -22.03 0.87 -8.78
N ALA A 337 -22.59 -0.30 -8.54
CA ALA A 337 -24.02 -0.44 -8.37
C ALA A 337 -24.31 -1.71 -7.60
N ASN A 338 -25.30 -1.66 -6.70
CA ASN A 338 -25.85 -2.86 -6.10
C ASN A 338 -24.83 -3.74 -5.41
N GLY A 339 -23.87 -3.09 -4.77
CA GLY A 339 -22.88 -3.79 -3.99
C GLY A 339 -21.66 -4.23 -4.76
N ARG A 340 -21.59 -3.98 -6.07
CA ARG A 340 -20.46 -4.44 -6.85
C ARG A 340 -19.87 -3.30 -7.68
N PHE A 341 -18.57 -3.29 -7.73
CA PHE A 341 -17.81 -2.40 -8.59
C PHE A 341 -17.58 -3.08 -9.93
N SER A 342 -17.32 -2.24 -10.93
CA SER A 342 -16.97 -2.75 -12.22
C SER A 342 -16.01 -1.79 -12.91
N ILE A 343 -15.22 -2.38 -13.81
CA ILE A 343 -14.33 -1.65 -14.71
C ILE A 343 -14.71 -2.06 -16.13
N ASP A 344 -15.03 -1.08 -16.95
CA ASP A 344 -15.53 -1.33 -18.33
C ASP A 344 -16.64 -2.40 -18.35
N GLY A 345 -17.54 -2.29 -17.38
CA GLY A 345 -18.72 -3.08 -17.32
C GLY A 345 -18.55 -4.47 -16.73
N VAL A 346 -17.37 -4.81 -16.26
CA VAL A 346 -17.06 -6.13 -15.73
C VAL A 346 -16.60 -6.04 -14.27
N SER A 347 -17.28 -6.76 -13.38
CA SER A 347 -16.87 -6.85 -12.02
C SER A 347 -15.84 -7.95 -11.85
N PHE A 348 -14.73 -7.69 -11.19
CA PHE A 348 -13.64 -8.66 -11.04
C PHE A 348 -14.02 -9.77 -10.06
N VAL A 349 -13.97 -11.00 -10.51
CA VAL A 349 -14.13 -12.19 -9.64
C VAL A 349 -12.90 -13.05 -9.94
N PRO A 350 -12.12 -13.41 -8.92
CA PRO A 350 -10.85 -14.10 -9.21
C PRO A 350 -11.09 -15.40 -9.96
N PRO A 351 -10.23 -15.74 -10.93
CA PRO A 351 -10.38 -16.97 -11.69
C PRO A 351 -9.88 -18.18 -10.92
N THR A 352 -10.25 -19.37 -11.33
CA THR A 352 -9.79 -20.61 -10.78
C THR A 352 -8.29 -20.88 -11.04
N VAL A 353 -7.88 -20.61 -12.28
CA VAL A 353 -6.48 -20.82 -12.68
C VAL A 353 -5.83 -19.42 -12.65
N PRO A 354 -4.73 -19.24 -11.94
CA PRO A 354 -4.16 -17.91 -11.92
C PRO A 354 -3.85 -17.38 -13.33
N VAL A 355 -4.01 -16.09 -13.54
CA VAL A 355 -3.71 -15.51 -14.85
C VAL A 355 -2.31 -15.87 -15.37
N LEU A 356 -1.28 -15.80 -14.53
CA LEU A 356 0.04 -16.12 -15.02
C LEU A 356 0.10 -17.57 -15.52
N LEU A 357 -0.50 -18.49 -14.78
CA LEU A 357 -0.49 -19.90 -15.20
C LEU A 357 -1.25 -20.06 -16.50
N GLN A 358 -2.35 -19.36 -16.69
CA GLN A 358 -3.07 -19.47 -17.97
C GLN A 358 -2.17 -19.05 -19.12
N ILE A 359 -1.42 -17.97 -18.93
CA ILE A 359 -0.49 -17.51 -19.97
C ILE A 359 0.62 -18.54 -20.20
N LEU A 360 1.22 -19.06 -19.15
CA LEU A 360 2.29 -20.04 -19.34
C LEU A 360 1.80 -21.32 -19.97
N SER A 361 0.52 -21.61 -19.84
CA SER A 361 -0.10 -22.77 -20.47
C SER A 361 -0.49 -22.54 -21.92
N GLY A 362 -0.29 -21.34 -22.47
CA GLY A 362 -0.47 -21.10 -23.86
C GLY A 362 -1.59 -20.21 -24.23
N ALA A 363 -2.25 -19.55 -23.29
CA ALA A 363 -3.32 -18.63 -23.68
C ALA A 363 -2.57 -17.44 -24.16
N GLN A 364 -2.81 -16.99 -25.35
CA GLN A 364 -2.01 -15.86 -25.83
C GLN A 364 -2.76 -14.69 -26.39
N ASN A 365 -4.00 -14.50 -25.99
CA ASN A 365 -4.54 -13.16 -26.14
C ASN A 365 -5.43 -12.92 -25.00
N ALA A 366 -5.75 -11.69 -24.74
CA ALA A 366 -6.46 -11.40 -23.57
C ALA A 366 -7.90 -11.81 -23.62
N GLN A 367 -8.48 -11.90 -24.82
CA GLN A 367 -9.84 -12.48 -24.97
C GLN A 367 -9.91 -14.01 -24.62
N ASP A 368 -8.77 -14.70 -24.66
CA ASP A 368 -8.63 -16.11 -24.20
C ASP A 368 -8.35 -16.29 -22.68
C ASP A 368 -8.65 -16.17 -22.65
N LEU A 369 -8.24 -15.18 -21.95
N LEU A 369 -8.05 -15.19 -22.00
CA LEU A 369 -7.81 -15.22 -20.57
C LEU A 369 -9.04 -15.01 -19.69
N LEU A 370 -9.05 -15.72 -18.58
CA LEU A 370 -10.10 -15.62 -17.61
C LEU A 370 -9.62 -14.79 -16.42
N PRO A 371 -10.49 -13.98 -15.82
CA PRO A 371 -11.89 -13.90 -16.09
C PRO A 371 -12.17 -13.12 -17.35
N ALA A 372 -13.17 -13.53 -18.12
CA ALA A 372 -13.46 -12.85 -19.37
C ALA A 372 -13.85 -11.41 -19.18
N GLY A 373 -13.18 -10.54 -19.95
CA GLY A 373 -13.42 -9.12 -19.89
C GLY A 373 -12.65 -8.40 -18.80
N SER A 374 -11.98 -9.13 -17.92
CA SER A 374 -11.20 -8.57 -16.83
C SER A 374 -9.72 -8.47 -17.11
N VAL A 375 -9.25 -9.00 -18.21
CA VAL A 375 -7.83 -8.98 -18.55
C VAL A 375 -7.69 -8.19 -19.84
N ILE A 376 -6.87 -7.15 -19.80
CA ILE A 376 -6.58 -6.25 -20.93
C ILE A 376 -5.15 -6.39 -21.32
N SER A 377 -4.87 -6.67 -22.58
CA SER A 377 -3.50 -6.77 -23.02
C SER A 377 -2.86 -5.40 -23.23
N LEU A 378 -1.58 -5.28 -22.89
CA LEU A 378 -0.83 -4.10 -23.23
C LEU A 378 0.36 -4.51 -24.14
N PRO A 379 0.67 -3.71 -25.12
CA PRO A 379 1.81 -4.01 -26.00
C PRO A 379 3.11 -3.67 -25.32
N SER A 380 4.15 -4.34 -25.73
CA SER A 380 5.50 -4.11 -25.23
C SER A 380 6.09 -2.79 -25.68
N ASN A 381 6.99 -2.26 -24.87
CA ASN A 381 7.82 -1.14 -25.22
C ASN A 381 7.03 0.06 -25.71
N SER A 382 5.92 0.32 -25.05
CA SER A 382 4.98 1.32 -25.42
C SER A 382 4.61 2.24 -24.29
N VAL A 383 4.27 3.48 -24.65
CA VAL A 383 3.72 4.39 -23.65
C VAL A 383 2.24 4.18 -23.49
N ILE A 384 1.86 3.93 -22.22
CA ILE A 384 0.50 3.70 -21.85
C ILE A 384 -0.02 4.90 -21.08
N GLU A 385 -1.25 5.34 -21.42
CA GLU A 385 -1.94 6.34 -20.58
C GLU A 385 -3.21 5.71 -20.09
N VAL A 386 -3.52 5.89 -18.85
CA VAL A 386 -4.77 5.37 -18.28
C VAL A 386 -5.46 6.53 -17.58
N ALA A 387 -6.62 6.92 -18.10
CA ALA A 387 -7.52 7.84 -17.41
C ALA A 387 -8.48 7.09 -16.54
N LEU A 388 -8.64 7.59 -15.31
CA LEU A 388 -9.41 6.93 -14.25
C LEU A 388 -10.48 7.89 -13.71
N PRO A 389 -11.47 8.30 -14.54
CA PRO A 389 -12.44 9.30 -14.10
C PRO A 389 -13.28 8.82 -12.93
N ALA A 390 -13.36 9.69 -11.89
CA ALA A 390 -14.02 9.35 -10.66
C ALA A 390 -15.55 9.55 -10.76
N GLY A 391 -16.23 9.14 -9.70
CA GLY A 391 -17.69 9.26 -9.63
C GLY A 391 -18.30 8.06 -8.95
N ALA A 392 -17.66 6.89 -9.04
CA ALA A 392 -18.16 5.65 -8.39
C ALA A 392 -18.25 5.85 -6.89
N ALA A 393 -19.35 5.39 -6.28
CA ALA A 393 -19.55 5.51 -4.84
C ALA A 393 -18.36 4.96 -4.05
N GLY A 394 -18.25 5.44 -2.82
CA GLY A 394 -17.22 5.02 -1.92
C GLY A 394 -15.90 5.68 -2.04
N GLY A 395 -15.84 6.75 -2.80
CA GLY A 395 -14.55 7.44 -3.00
C GLY A 395 -14.11 8.27 -1.81
N PRO A 396 -12.92 8.88 -1.87
CA PRO A 396 -12.01 8.83 -3.02
C PRO A 396 -11.22 7.55 -3.06
N HIS A 397 -11.15 6.96 -4.25
CA HIS A 397 -10.58 5.64 -4.45
C HIS A 397 -9.07 5.73 -4.75
N PRO A 398 -8.23 5.06 -3.94
CA PRO A 398 -6.77 5.03 -4.21
C PRO A 398 -6.41 3.87 -5.12
N PHE A 399 -6.23 4.16 -6.41
CA PHE A 399 -5.89 3.13 -7.36
C PHE A 399 -4.40 2.81 -7.38
N HIS A 400 -4.10 1.53 -7.50
CA HIS A 400 -2.74 1.02 -7.44
C HIS A 400 -2.47 0.10 -8.60
N LEU A 401 -1.29 0.23 -9.19
CA LEU A 401 -0.84 -0.64 -10.28
C LEU A 401 0.35 -1.43 -9.82
N HIS A 402 0.30 -2.78 -9.95
CA HIS A 402 1.46 -3.62 -9.68
C HIS A 402 2.49 -3.52 -10.82
N GLY A 403 3.74 -3.87 -10.48
CA GLY A 403 4.78 -4.03 -11.51
C GLY A 403 5.44 -2.75 -11.97
N HIS A 404 4.93 -1.60 -11.52
CA HIS A 404 5.21 -0.31 -12.10
C HIS A 404 5.01 0.78 -11.12
N ASN A 405 5.70 1.90 -11.31
CA ASN A 405 5.20 3.20 -10.88
C ASN A 405 4.82 3.99 -12.13
N PHE A 406 4.29 5.17 -11.94
CA PHE A 406 3.70 5.92 -13.04
C PHE A 406 3.77 7.38 -12.75
N ALA A 407 3.78 8.18 -13.84
CA ALA A 407 3.65 9.63 -13.73
C ALA A 407 2.20 9.99 -13.49
N VAL A 408 1.95 10.85 -12.51
CA VAL A 408 0.57 11.30 -12.24
C VAL A 408 0.37 12.60 -13.04
N VAL A 409 -0.06 12.42 -14.29
CA VAL A 409 -0.23 13.56 -15.18
C VAL A 409 -1.37 14.47 -14.76
N GLN A 410 -2.40 13.93 -14.13
CA GLN A 410 -3.51 14.74 -13.61
C GLN A 410 -3.88 14.19 -12.27
N SER A 411 -3.97 15.08 -11.28
CA SER A 411 -4.27 14.75 -9.93
C SER A 411 -5.72 15.10 -9.52
N ALA A 412 -6.13 14.66 -8.36
CA ALA A 412 -7.42 14.97 -7.81
C ALA A 412 -7.62 16.46 -7.67
N ASN A 413 -8.86 16.90 -7.89
CA ASN A 413 -9.30 18.23 -7.59
C ASN A 413 -8.66 19.33 -8.39
N ASN A 414 -8.07 18.98 -9.53
CA ASN A 414 -7.38 19.99 -10.35
C ASN A 414 -7.46 19.50 -11.77
N ALA A 415 -8.14 20.26 -12.61
CA ALA A 415 -8.39 19.85 -13.99
C ALA A 415 -7.20 20.00 -14.94
N THR A 416 -6.10 20.59 -14.45
CA THR A 416 -4.94 20.88 -15.31
C THR A 416 -3.93 19.73 -15.29
N PRO A 417 -3.62 19.15 -16.45
CA PRO A 417 -2.59 18.12 -16.48
C PRO A 417 -1.21 18.74 -16.40
N ASN A 418 -0.21 17.90 -16.06
CA ASN A 418 1.20 18.30 -15.97
C ASN A 418 2.03 17.28 -16.76
N TYR A 419 2.45 17.69 -17.96
CA TYR A 419 3.23 16.85 -18.81
C TYR A 419 4.74 17.12 -18.70
N VAL A 420 5.15 17.90 -17.70
CA VAL A 420 6.53 18.33 -17.56
C VAL A 420 7.23 17.65 -16.40
N ASN A 421 6.73 17.82 -15.16
CA ASN A 421 7.44 17.34 -14.00
C ASN A 421 6.54 16.84 -12.85
N PRO A 422 5.50 16.10 -13.19
CA PRO A 422 4.69 15.59 -12.07
C PRO A 422 5.44 14.52 -11.27
N ILE A 423 4.99 14.32 -10.04
CA ILE A 423 5.48 13.18 -9.28
C ILE A 423 5.13 11.91 -9.95
N TRP A 424 5.98 10.91 -9.71
CA TRP A 424 5.74 9.52 -10.03
C TRP A 424 5.43 8.79 -8.71
N ARG A 425 4.50 7.84 -8.77
CA ARG A 425 4.14 7.08 -7.55
C ARG A 425 3.47 5.78 -7.99
N ASP A 426 2.98 4.99 -6.99
CA ASP A 426 2.33 3.74 -7.34
C ASP A 426 0.89 3.59 -6.87
N THR A 427 0.41 4.52 -6.06
CA THR A 427 -1.00 4.49 -5.57
C THR A 427 -1.47 5.92 -5.61
N VAL A 428 -2.64 6.18 -6.24
CA VAL A 428 -3.06 7.59 -6.43
C VAL A 428 -4.53 7.69 -6.15
N SER A 429 -4.94 8.71 -5.42
CA SER A 429 -6.35 8.99 -5.28
C SER A 429 -6.92 9.49 -6.60
N ILE A 430 -8.04 8.92 -7.04
CA ILE A 430 -8.68 9.39 -8.26
C ILE A 430 -9.66 10.52 -8.03
N GLY A 431 -9.78 10.99 -6.79
CA GLY A 431 -10.53 12.21 -6.57
C GLY A 431 -12.01 12.08 -6.51
N GLY A 432 -12.68 13.12 -6.91
CA GLY A 432 -14.12 13.26 -6.77
C GLY A 432 -14.81 13.44 -8.10
N THR A 433 -16.11 13.62 -7.99
CA THR A 433 -16.96 13.65 -9.16
C THR A 433 -16.42 14.73 -10.15
N GLY A 434 -16.31 14.35 -11.42
CA GLY A 434 -15.80 15.18 -12.48
C GLY A 434 -14.27 15.18 -12.65
N ASP A 435 -13.55 14.59 -11.72
CA ASP A 435 -12.07 14.49 -11.87
C ASP A 435 -11.71 13.55 -13.00
N ASN A 436 -10.46 13.70 -13.45
CA ASN A 436 -9.92 12.89 -14.51
C ASN A 436 -8.47 12.54 -14.25
N VAL A 437 -8.23 11.95 -13.09
CA VAL A 437 -6.89 11.51 -12.72
C VAL A 437 -6.39 10.57 -13.79
N THR A 438 -5.14 10.83 -14.21
CA THR A 438 -4.57 10.12 -15.36
C THR A 438 -3.09 9.81 -15.04
N ILE A 439 -2.70 8.59 -15.47
CA ILE A 439 -1.37 8.10 -15.22
C ILE A 439 -0.71 7.66 -16.52
N ARG A 440 0.64 7.72 -16.53
CA ARG A 440 1.40 7.25 -17.68
C ARG A 440 2.57 6.42 -17.23
N PHE A 441 2.90 5.44 -18.07
CA PHE A 441 4.07 4.56 -17.82
C PHE A 441 4.42 3.89 -19.14
N THR A 442 5.60 3.28 -19.17
CA THR A 442 6.08 2.54 -20.35
C THR A 442 6.12 1.07 -20.02
N THR A 443 5.74 0.24 -20.98
CA THR A 443 5.71 -1.21 -20.76
C THR A 443 6.99 -2.02 -20.96
C THR A 443 7.14 -1.75 -21.01
N ASN A 444 7.82 -2.03 -19.96
CA ASN A 444 9.11 -2.71 -20.04
C ASN A 444 9.23 -3.83 -19.02
N ASN A 445 8.11 -4.42 -18.63
CA ASN A 445 8.05 -5.43 -17.59
C ASN A 445 6.98 -6.48 -17.90
N PRO A 446 7.34 -7.50 -18.71
CA PRO A 446 6.31 -8.47 -19.12
C PRO A 446 5.69 -9.25 -17.98
N GLY A 447 4.35 -9.38 -17.99
CA GLY A 447 3.62 -10.16 -17.04
C GLY A 447 2.24 -9.61 -16.74
N PRO A 448 1.41 -10.38 -16.01
CA PRO A 448 0.09 -9.88 -15.63
C PRO A 448 0.20 -9.06 -14.32
N TRP A 449 -0.21 -7.80 -14.44
CA TRP A 449 -0.09 -6.82 -13.37
C TRP A 449 -1.48 -6.32 -12.98
N PHE A 450 -1.79 -6.48 -11.70
CA PHE A 450 -3.08 -6.09 -11.18
C PHE A 450 -3.19 -4.55 -11.13
N LEU A 451 -4.38 -4.05 -11.45
CA LEU A 451 -4.74 -2.62 -11.30
C LEU A 451 -6.06 -2.60 -10.47
N HIS A 452 -6.07 -1.94 -9.34
CA HIS A 452 -7.28 -2.01 -8.53
C HIS A 452 -7.30 -0.88 -7.55
N CYS A 453 -8.50 -0.62 -7.03
CA CYS A 453 -8.66 0.21 -5.86
C CYS A 453 -8.04 -0.51 -4.65
N HIS A 454 -7.24 0.21 -3.88
CA HIS A 454 -6.58 -0.38 -2.72
C HIS A 454 -7.41 -0.30 -1.43
N ILE A 455 -8.64 0.17 -1.51
CA ILE A 455 -9.59 -0.07 -0.41
C ILE A 455 -9.99 -1.53 -0.55
N ASP A 456 -9.58 -2.31 0.43
CA ASP A 456 -9.65 -3.75 0.25
C ASP A 456 -11.06 -4.27 0.11
N TRP A 457 -12.01 -3.58 0.73
CA TRP A 457 -13.39 -3.92 0.63
C TRP A 457 -13.92 -3.72 -0.78
N HIS A 458 -13.34 -2.77 -1.48
CA HIS A 458 -13.75 -2.49 -2.89
C HIS A 458 -13.10 -3.48 -3.84
N LEU A 459 -11.85 -3.82 -3.60
CA LEU A 459 -11.24 -4.90 -4.38
C LEU A 459 -12.07 -6.14 -4.27
N GLU A 460 -12.46 -6.50 -3.05
CA GLU A 460 -13.26 -7.72 -2.85
C GLU A 460 -14.61 -7.65 -3.59
N ALA A 461 -15.16 -6.43 -3.71
CA ALA A 461 -16.41 -6.21 -4.42
C ALA A 461 -16.26 -5.96 -5.95
N GLY A 462 -15.05 -6.24 -6.46
CA GLY A 462 -14.82 -6.32 -7.87
C GLY A 462 -14.10 -5.16 -8.56
N PHE A 463 -13.50 -4.23 -7.84
CA PHE A 463 -12.96 -3.00 -8.44
C PHE A 463 -11.49 -3.19 -8.92
N ALA A 464 -11.38 -3.97 -9.98
CA ALA A 464 -10.05 -4.42 -10.45
C ALA A 464 -10.11 -4.86 -11.90
N ILE A 465 -8.94 -4.82 -12.54
CA ILE A 465 -8.68 -5.44 -13.82
C ILE A 465 -7.23 -5.92 -13.79
N VAL A 466 -6.88 -6.79 -14.72
CA VAL A 466 -5.49 -7.23 -14.87
C VAL A 466 -4.96 -6.70 -16.20
N PHE A 467 -3.81 -6.06 -16.16
CA PHE A 467 -3.09 -5.69 -17.40
C PHE A 467 -2.12 -6.80 -17.71
N ALA A 468 -2.36 -7.55 -18.79
CA ALA A 468 -1.49 -8.60 -19.27
C ALA A 468 -0.50 -7.92 -20.19
N GLU A 469 0.62 -7.50 -19.60
CA GLU A 469 1.60 -6.72 -20.32
C GLU A 469 2.52 -7.68 -21.11
N ASP A 470 2.64 -7.47 -22.41
CA ASP A 470 3.50 -8.28 -23.24
C ASP A 470 3.29 -9.79 -23.01
N ILE A 471 2.11 -10.20 -23.31
CA ILE A 471 1.77 -11.65 -23.25
C ILE A 471 2.84 -12.51 -23.96
N PRO A 472 3.25 -12.12 -25.20
CA PRO A 472 4.16 -13.03 -25.91
C PRO A 472 5.45 -13.27 -25.24
N ASP A 473 5.96 -12.33 -24.44
CA ASP A 473 7.23 -12.48 -23.80
C ASP A 473 7.10 -12.91 -22.32
N THR A 474 5.88 -13.14 -21.75
CA THR A 474 5.76 -13.41 -20.41
C THR A 474 6.49 -14.66 -19.98
N ALA A 475 6.34 -15.73 -20.74
CA ALA A 475 6.96 -17.01 -20.34
C ALA A 475 8.48 -16.93 -20.35
N SER A 476 9.04 -16.37 -21.42
CA SER A 476 10.50 -16.27 -21.50
C SER A 476 11.04 -15.32 -20.43
N ALA A 477 10.30 -14.27 -20.10
CA ALA A 477 10.80 -13.28 -19.17
C ALA A 477 10.72 -13.73 -17.73
N ASN A 478 9.79 -14.63 -17.40
CA ASN A 478 9.48 -15.01 -16.03
C ASN A 478 9.60 -16.54 -15.79
N PRO A 479 10.81 -17.09 -15.90
CA PRO A 479 10.95 -18.51 -15.53
C PRO A 479 10.45 -18.79 -14.15
N VAL A 480 9.78 -19.91 -13.95
CA VAL A 480 9.13 -20.18 -12.68
C VAL A 480 9.81 -21.31 -11.95
N PRO A 481 9.98 -21.24 -10.64
CA PRO A 481 10.55 -22.34 -9.89
C PRO A 481 9.56 -23.49 -9.71
N GLN A 482 10.09 -24.71 -9.44
CA GLN A 482 9.23 -25.84 -9.21
C GLN A 482 8.24 -25.60 -8.06
N ALA A 483 8.67 -24.92 -7.03
CA ALA A 483 7.77 -24.67 -5.89
C ALA A 483 6.56 -23.85 -6.29
N TRP A 484 6.72 -22.93 -7.25
CA TRP A 484 5.58 -22.18 -7.74
C TRP A 484 4.64 -23.07 -8.54
N SER A 485 5.23 -23.89 -9.41
CA SER A 485 4.46 -24.84 -10.20
C SER A 485 3.63 -25.80 -9.32
N ASP A 486 4.13 -26.10 -8.14
CA ASP A 486 3.44 -26.96 -7.20
C ASP A 486 2.31 -26.33 -6.41
N LEU A 487 2.18 -25.00 -6.46
CA LEU A 487 1.13 -24.34 -5.67
C LEU A 487 -0.25 -24.67 -6.14
N CYS A 488 -0.48 -24.60 -7.46
CA CYS A 488 -1.88 -24.82 -7.92
C CYS A 488 -2.39 -26.23 -7.67
N PRO A 489 -1.58 -27.26 -7.99
CA PRO A 489 -2.06 -28.60 -7.72
C PRO A 489 -2.32 -28.82 -6.22
N ALA A 490 -1.45 -28.26 -5.35
CA ALA A 490 -1.66 -28.46 -3.90
C ALA A 490 -2.93 -27.75 -3.40
N TYR A 491 -3.13 -26.54 -3.89
CA TYR A 491 -4.31 -25.77 -3.51
C TYR A 491 -5.58 -26.43 -4.00
N ASP A 492 -5.59 -26.85 -5.26
CA ASP A 492 -6.80 -27.46 -5.83
C ASP A 492 -7.14 -28.79 -5.18
N GLN A 493 -6.13 -29.58 -4.82
CA GLN A 493 -6.34 -30.80 -4.06
C GLN A 493 -6.93 -30.49 -2.69
N ALA A 494 -6.36 -29.53 -1.96
CA ALA A 494 -6.83 -29.24 -0.60
C ALA A 494 -8.26 -28.72 -0.57
N HIS A 495 -8.71 -28.10 -1.67
CA HIS A 495 -10.02 -27.44 -1.76
C HIS A 495 -11.02 -28.22 -2.61
N ASN A 496 -10.62 -29.43 -3.03
CA ASN A 496 -11.45 -30.28 -3.88
C ASN A 496 -11.96 -29.56 -5.15
N ILE A 497 -11.03 -28.85 -5.82
CA ILE A 497 -11.29 -28.18 -7.11
C ILE A 497 -10.85 -29.11 -8.23
N SER A 498 -11.74 -29.35 -9.18
C1 NAG B . -10.72 12.03 -19.28
C2 NAG B . -12.09 12.37 -19.86
C3 NAG B . -12.42 11.53 -21.08
C4 NAG B . -11.26 11.60 -22.09
C5 NAG B . -9.95 11.21 -21.35
C6 NAG B . -8.74 11.27 -22.31
C7 NAG B . -13.60 13.15 -18.07
C8 NAG B . -14.67 12.70 -17.13
N2 NAG B . -13.14 12.22 -18.89
O3 NAG B . -13.62 12.11 -21.67
O4 NAG B . -11.47 10.64 -23.15
O5 NAG B . -9.73 12.12 -20.29
O6 NAG B . -7.56 10.96 -21.57
O7 NAG B . -13.16 14.30 -18.08
H1 NAG B . -10.77 10.98 -18.97
H2 NAG B . -12.07 13.41 -20.19
H3 NAG B . -12.58 10.48 -20.78
H4 NAG B . -11.17 12.62 -22.47
H5 NAG B . -10.04 10.19 -20.98
H61 NAG B . -8.67 12.26 -22.76
H62 NAG B . -8.86 10.53 -23.11
H81 NAG B . -14.58 13.23 -16.22
H82 NAG B . -15.62 12.90 -17.56
H83 NAG B . -14.59 11.67 -16.94
HN2 NAG B . -13.54 11.29 -18.82
C1 NAG B . -12.09 11.05 -24.27
C2 NAG B . -11.55 10.25 -25.44
C3 NAG B . -12.33 10.49 -26.71
C4 NAG B . -13.88 10.54 -26.53
C5 NAG B . -14.33 11.26 -25.24
C6 NAG B . -15.77 10.96 -24.84
C7 NAG B . -9.33 11.54 -25.82
C8 NAG B . -9.91 12.92 -25.93
N2 NAG B . -10.06 10.39 -25.62
O3 NAG B . -11.99 9.46 -27.69
O4 NAG B . -14.52 11.13 -27.70
O5 NAG B . -13.50 10.83 -24.14
O6 NAG B . -15.96 11.51 -23.55
O7 NAG B . -8.08 11.51 -25.88
H1 NAG B . -11.97 12.11 -24.47
H2 NAG B . -11.72 9.19 -25.18
H3 NAG B . -12.04 11.45 -27.14
H4 NAG B . -14.23 9.50 -26.45
H5 NAG B . -14.21 12.34 -25.38
H61 NAG B . -16.45 11.44 -25.55
H81 NAG B . -9.87 13.39 -24.98
H82 NAG B . -9.34 13.47 -26.63
H83 NAG B . -10.92 12.90 -26.26
HN2 NAG B . -9.54 9.53 -25.57
C1 NAG C . -3.15 22.52 -10.59
C2 NAG C . -2.33 23.39 -9.66
C3 NAG C . -1.33 24.21 -10.47
C4 NAG C . -0.52 23.34 -11.38
C5 NAG C . -1.37 22.41 -12.23
C6 NAG C . -0.60 21.38 -13.03
C7 NAG C . -3.17 24.43 -7.61
C8 NAG C . -4.18 25.35 -7.00
N2 NAG C . -3.25 24.24 -8.92
O3 NAG C . -0.54 24.93 -9.54
O4 NAG C . 0.15 24.19 -12.33
O5 NAG C . -2.24 21.67 -11.36
O6 NAG C . 0.16 20.52 -12.20
O7 NAG C . -2.32 23.89 -6.89
H1 NAG C . -3.66 23.19 -11.29
H2 NAG C . -1.78 22.72 -8.99
H3 NAG C . -1.90 24.92 -11.08
H4 NAG C . 0.19 22.75 -10.79
H5 NAG C . -1.97 23.02 -12.93
H61 NAG C . 0.06 21.87 -13.72
H62 NAG C . -1.31 20.78 -13.62
H81 NAG C . -4.29 25.11 -5.97
H82 NAG C . -3.85 26.35 -7.09
H83 NAG C . -5.11 25.23 -7.48
HN2 NAG C . -3.97 24.70 -9.44
C1 NAG C . 1.50 24.35 -12.23
C2 NAG C . 2.03 24.91 -13.57
C3 NAG C . 3.51 25.26 -13.43
C4 NAG C . 3.76 26.19 -12.24
C5 NAG C . 3.10 25.56 -11.00
C6 NAG C . 3.25 26.38 -9.73
C7 NAG C . 0.89 23.92 -15.52
C8 NAG C . 0.87 22.86 -16.61
N2 NAG C . 1.91 23.86 -14.64
O3 NAG C . 4.00 25.83 -14.61
O4 NAG C . 5.18 26.25 -12.10
O5 NAG C . 1.70 25.35 -11.22
O6 NAG C . 2.67 27.66 -9.95
O7 NAG C . 0.00 24.78 -15.47
H1 NAG C . 2.05 23.44 -11.98
H2 NAG C . 1.47 25.82 -13.82
H3 NAG C . 4.05 24.34 -13.25
H4 NAG C . 3.33 27.18 -12.44
H5 NAG C . 3.60 24.60 -10.82
H61 NAG C . 4.30 26.48 -9.48
H62 NAG C . 2.74 25.89 -8.90
H81 NAG C . -0.15 22.66 -16.87
H82 NAG C . 1.38 23.22 -17.46
H83 NAG C . 1.32 21.98 -16.26
HN2 NAG C . 2.62 23.13 -14.70
CU CU D . -2.87 -5.52 -5.55
CU CU E . -0.55 -3.03 -1.55
CU CU F . 1.12 -3.64 -5.28
CU CU G . -12.35 2.14 -3.79
CL CL H . 3.32 -3.34 -6.57
#